data_2WB2
#
_entry.id   2WB2
#
_cell.length_a   87.550
_cell.length_b   89.000
_cell.length_c   91.670
_cell.angle_alpha   90.00
_cell.angle_beta   90.00
_cell.angle_gamma   90.00
#
_symmetry.space_group_name_H-M   'P 21 21 21'
#
loop_
_entity.id
_entity.type
_entity.pdbx_description
1 polymer PHOTOLYASE
2 polymer "5'-D(*AP*CP*AP*GP*CP*GP*GP*64PP*ZP*GP*CP*AP *GP*GP*T)-3'"
3 polymer "5'-D(*TP*AP*CP*CP*TP*GP*CP*GP*AP*CP*CP*GP*CP*TP*G)-3'"
4 non-polymer 'FLAVIN-ADENINE DINUCLEOTIDE'
#
loop_
_entity_poly.entity_id
_entity_poly.type
_entity_poly.pdbx_seq_one_letter_code
_entity_poly.pdbx_strand_id
1 'polypeptide(L)'
;MASWSHPQFEKGASTSLYKKAGLMDSQRSTLVHWFRKGLRLHDNPALSHIFTAANAAPGRYFVRPIFILDPGILDWMQVG
ANRWRFLQQTLEDLDNQLRKLNSRLFVVRGKPAEVFPRIFKSWRVEMLTFETDIEPYSVTRDAAVQKLAKAEGVRVETHC
SHTIYNPELVIAKNLGKAPITYQKFLGIVEQLKVPKVLGVPEKLKNMPTPPKDEVEQKDSAAYDCPTMKQLVKRPEELGP
NKFPGGETEALRRMEESLKDEIWVARFEKPNTAPNSLEPSTTVLSPYLKFGCLSARLFNQKLKEIIKRQPKHSQPPVSLI
GQLMWREFYYTVAAAEPNFDRMLGNVYCMQIPWQEHPDHLEAWTHGRTGYPFIDAIMRQLRQEGWIHHLARHAVACFLTR
GDLWISWEEGQRVFEQLLLDQDWALNAGNWMWLSASAFFHQYFRVYSPVAFGKKTDPQGHYIRKYVPELSKYPAGCIYEP
WKASLVDQRAYGCVLGTDYPHRIVKHEVVHKENIKRMGAAYKVNREVRTGKEEESSFEEKSET
;
A
2 'polydeoxyribonucleotide' (DA)(DC)(DA)(DG)(DC)(DG)(DG)(64P)(Z)(DG)(DC)(DA)(DG)(DG)(DT) C
3 'polydeoxyribonucleotide' (DT)(DA)(DC)(DC)(DT)(DG)(DC)(DG)(DA)(DC)(DC)(DG)(DC)(DT)(DG) D
#
loop_
_chem_comp.id
_chem_comp.type
_chem_comp.name
_chem_comp.formula
64P DNA linking '5-aminothymidine 5'-(dihydrogen phosphate)' 'C10 H18 N3 O8 P'
DA DNA linking 2'-DEOXYADENOSINE-5'-MONOPHOSPHATE 'C10 H14 N5 O6 P'
DC DNA linking 2'-DEOXYCYTIDINE-5'-MONOPHOSPHATE 'C9 H14 N3 O7 P'
DG DNA linking 2'-DEOXYGUANOSINE-5'-MONOPHOSPHATE 'C10 H14 N5 O7 P'
DT DNA linking THYMIDINE-5'-MONOPHOSPHATE 'C10 H15 N2 O8 P'
FAD non-polymer 'FLAVIN-ADENINE DINUCLEOTIDE' 'C27 H33 N9 O15 P2'
Z DNA linking 1-(2-DEOXY-5-O-PHOSPHONO-BETA-D-ERYTHRO-PENTOFURANOSYL)PYRIMIDIN-2(1H)-ONE 'C9 H13 N2 O7 P'
#
# COMPACT_ATOMS: atom_id res chain seq x y z
N ASP A 25 -34.30 -26.36 4.82
CA ASP A 25 -32.95 -25.68 4.85
C ASP A 25 -32.23 -25.90 6.18
N SER A 26 -32.88 -26.65 7.07
CA SER A 26 -32.34 -26.93 8.42
C SER A 26 -31.11 -27.82 8.34
N GLN A 27 -31.04 -28.64 7.29
CA GLN A 27 -30.01 -29.67 7.14
C GLN A 27 -28.83 -29.15 6.31
N ARG A 28 -28.89 -27.88 5.91
CA ARG A 28 -27.82 -27.30 5.06
C ARG A 28 -26.55 -26.95 5.80
N SER A 29 -25.46 -27.09 5.09
CA SER A 29 -24.17 -26.66 5.57
C SER A 29 -23.79 -25.31 4.97
N THR A 30 -22.74 -24.71 5.50
CA THR A 30 -22.32 -23.40 5.02
C THR A 30 -20.93 -23.44 4.48
N LEU A 31 -20.72 -22.68 3.41
CA LEU A 31 -19.43 -22.53 2.76
C LEU A 31 -19.04 -21.08 2.98
N VAL A 32 -17.84 -20.84 3.45
CA VAL A 32 -17.43 -19.47 3.77
C VAL A 32 -16.18 -18.96 3.07
N HIS A 33 -16.27 -17.74 2.54
CA HIS A 33 -15.12 -17.09 1.95
C HIS A 33 -14.75 -15.92 2.85
N TRP A 34 -13.47 -15.85 3.18
CA TRP A 34 -12.97 -14.86 4.11
C TRP A 34 -12.16 -13.82 3.35
N PHE A 35 -12.66 -12.58 3.40
CA PHE A 35 -11.99 -11.45 2.77
C PHE A 35 -11.13 -10.73 3.78
N ARG A 36 -9.82 -10.71 3.57
CA ARG A 36 -8.92 -9.94 4.41
C ARG A 36 -8.26 -8.92 3.49
N LYS A 37 -7.76 -9.45 2.39
CA LYS A 37 -7.13 -8.71 1.31
C LYS A 37 -7.83 -9.35 0.15
N GLY A 38 -7.80 -8.74 -1.01
CA GLY A 38 -8.54 -9.34 -2.11
C GLY A 38 -10.01 -9.00 -2.05
N LEU A 39 -10.29 -7.73 -1.85
CA LEU A 39 -11.65 -7.23 -1.75
C LEU A 39 -12.25 -6.94 -3.11
N ARG A 40 -12.52 -8.02 -3.84
CA ARG A 40 -13.02 -7.95 -5.21
C ARG A 40 -13.79 -9.20 -5.57
N LEU A 41 -14.55 -9.11 -6.65
CA LEU A 41 -15.20 -10.28 -7.25
C LEU A 41 -14.41 -10.83 -8.45
N HIS A 42 -13.84 -9.95 -9.24
CA HIS A 42 -13.04 -10.39 -10.37
C HIS A 42 -11.74 -11.02 -9.91
N ASP A 43 -11.36 -12.06 -10.64
CA ASP A 43 -10.10 -12.78 -10.43
C ASP A 43 -9.89 -13.10 -8.97
N ASN A 44 -10.83 -13.87 -8.45
CA ASN A 44 -10.77 -14.33 -7.09
C ASN A 44 -11.03 -15.82 -7.03
N PRO A 45 -10.00 -16.65 -7.29
CA PRO A 45 -10.15 -18.10 -7.30
C PRO A 45 -10.72 -18.61 -5.96
N ALA A 46 -10.29 -17.98 -4.87
CA ALA A 46 -10.80 -18.37 -3.55
C ALA A 46 -12.31 -18.21 -3.50
N LEU A 47 -12.78 -17.06 -3.98
CA LEU A 47 -14.19 -16.76 -3.92
C LEU A 47 -14.97 -17.61 -4.90
N SER A 48 -14.45 -17.73 -6.12
CA SER A 48 -15.10 -18.49 -7.19
C SER A 48 -15.34 -19.94 -6.80
N HIS A 49 -14.33 -20.52 -6.13
CA HIS A 49 -14.33 -21.91 -5.68
C HIS A 49 -15.67 -22.20 -5.01
N ILE A 50 -16.03 -21.30 -4.10
CA ILE A 50 -17.29 -21.38 -3.37
C ILE A 50 -18.46 -21.41 -4.31
N PHE A 51 -18.61 -20.30 -5.03
CA PHE A 51 -19.77 -20.08 -5.87
C PHE A 51 -20.01 -21.23 -6.83
N THR A 52 -18.93 -21.80 -7.38
CA THR A 52 -19.06 -22.92 -8.31
C THR A 52 -19.41 -24.21 -7.55
N ALA A 53 -18.80 -24.40 -6.38
CA ALA A 53 -19.14 -25.50 -5.50
C ALA A 53 -20.64 -25.47 -5.12
N ALA A 54 -21.17 -24.26 -4.96
CA ALA A 54 -22.52 -24.08 -4.46
C ALA A 54 -23.57 -24.56 -5.44
N ASN A 55 -23.40 -24.16 -6.68
CA ASN A 55 -24.43 -24.41 -7.69
C ASN A 55 -24.20 -25.78 -8.28
N ALA A 56 -23.00 -26.30 -8.08
CA ALA A 56 -22.67 -27.65 -8.51
C ALA A 56 -23.59 -28.51 -7.69
N ALA A 57 -23.72 -28.17 -6.42
CA ALA A 57 -24.65 -28.82 -5.52
C ALA A 57 -25.61 -27.70 -5.23
N PRO A 58 -26.73 -27.65 -5.93
CA PRO A 58 -27.67 -26.54 -5.79
C PRO A 58 -28.36 -26.30 -4.44
N GLY A 59 -28.85 -27.34 -3.78
CA GLY A 59 -29.54 -27.14 -2.52
C GLY A 59 -28.84 -27.57 -1.25
N ARG A 60 -27.59 -27.98 -1.36
CA ARG A 60 -26.85 -28.47 -0.21
C ARG A 60 -26.06 -27.46 0.62
N TYR A 61 -25.95 -26.22 0.16
CA TYR A 61 -25.14 -25.24 0.88
C TYR A 61 -25.69 -23.84 1.07
N PHE A 62 -25.12 -23.16 2.06
CA PHE A 62 -25.41 -21.77 2.37
C PHE A 62 -24.09 -21.04 2.21
N VAL A 63 -24.11 -19.90 1.54
CA VAL A 63 -22.88 -19.19 1.27
C VAL A 63 -22.77 -17.91 2.04
N ARG A 64 -21.67 -17.78 2.77
CA ARG A 64 -21.42 -16.58 3.53
C ARG A 64 -20.09 -16.01 3.09
N PRO A 65 -20.11 -14.80 2.55
CA PRO A 65 -18.87 -14.13 2.17
C PRO A 65 -18.67 -13.19 3.33
N ILE A 66 -17.58 -13.35 4.06
CA ILE A 66 -17.40 -12.56 5.25
C ILE A 66 -16.15 -11.68 5.26
N PHE A 67 -16.28 -10.58 6.00
CA PHE A 67 -15.16 -9.74 6.34
C PHE A 67 -15.21 -9.51 7.85
N ILE A 68 -14.08 -9.75 8.53
CA ILE A 68 -14.03 -9.70 9.99
C ILE A 68 -13.48 -8.40 10.47
N LEU A 69 -14.33 -7.51 10.94
CA LEU A 69 -13.83 -6.23 11.40
C LEU A 69 -13.34 -6.37 12.83
N ASP A 70 -12.06 -6.13 13.04
CA ASP A 70 -11.51 -6.16 14.38
C ASP A 70 -11.76 -4.75 14.84
N PRO A 71 -12.90 -4.58 15.49
CA PRO A 71 -13.40 -3.28 15.91
C PRO A 71 -12.55 -2.51 16.89
N GLY A 72 -11.79 -3.19 17.74
CA GLY A 72 -10.97 -2.51 18.72
C GLY A 72 -9.95 -1.57 18.09
N ILE A 73 -9.44 -1.96 16.94
CA ILE A 73 -8.42 -1.20 16.21
C ILE A 73 -8.87 0.16 15.68
N LEU A 74 -10.17 0.43 15.67
CA LEU A 74 -10.65 1.69 15.13
C LEU A 74 -10.02 2.86 15.87
N ASP A 75 -9.85 2.71 17.18
CA ASP A 75 -9.22 3.74 18.00
C ASP A 75 -7.72 3.76 17.71
N TRP A 76 -7.24 2.73 17.02
CA TRP A 76 -5.83 2.56 16.68
C TRP A 76 -5.30 3.70 15.83
N MET A 77 -4.02 4.04 16.05
CA MET A 77 -3.38 5.16 15.36
C MET A 77 -2.69 4.89 14.02
N GLN A 78 -2.38 3.64 13.69
CA GLN A 78 -1.77 3.36 12.36
C GLN A 78 -2.77 3.25 11.24
N VAL A 79 -3.91 3.91 11.42
CA VAL A 79 -4.92 3.98 10.39
C VAL A 79 -5.33 5.43 10.25
N GLY A 80 -5.21 5.97 9.05
CA GLY A 80 -5.58 7.33 8.77
C GLY A 80 -7.08 7.44 8.62
N ALA A 81 -7.63 8.63 8.81
CA ALA A 81 -9.05 8.81 8.64
C ALA A 81 -9.36 8.51 7.18
N ASN A 82 -8.47 8.97 6.31
CA ASN A 82 -8.62 8.78 4.87
C ASN A 82 -8.67 7.31 4.45
N ARG A 83 -7.84 6.49 5.06
CA ARG A 83 -7.82 5.07 4.76
C ARG A 83 -9.05 4.34 5.32
N TRP A 84 -9.57 4.84 6.44
CA TRP A 84 -10.80 4.26 7.01
C TRP A 84 -11.94 4.45 6.04
N ARG A 85 -12.00 5.64 5.46
CA ARG A 85 -13.02 6.00 4.48
C ARG A 85 -12.90 5.12 3.24
N PHE A 86 -11.66 4.85 2.85
CA PHE A 86 -11.42 4.01 1.69
C PHE A 86 -11.93 2.60 1.94
N LEU A 87 -11.65 2.05 3.11
CA LEU A 87 -12.19 0.74 3.49
C LEU A 87 -13.76 0.73 3.54
N GLN A 88 -14.34 1.82 4.07
CA GLN A 88 -15.75 1.90 4.24
C GLN A 88 -16.41 1.82 2.88
N GLN A 89 -15.89 2.62 1.99
CA GLN A 89 -16.39 2.67 0.61
C GLN A 89 -16.17 1.34 -0.11
N THR A 90 -15.04 0.70 0.17
CA THR A 90 -14.69 -0.58 -0.45
C THR A 90 -15.72 -1.66 -0.09
N LEU A 91 -16.04 -1.72 1.20
CA LEU A 91 -16.91 -2.76 1.70
C LEU A 91 -18.30 -2.58 1.13
N GLU A 92 -18.71 -1.33 1.01
CA GLU A 92 -20.04 -1.03 0.46
C GLU A 92 -20.16 -1.49 -0.97
N ASP A 93 -19.10 -1.29 -1.73
CA ASP A 93 -19.03 -1.71 -3.12
C ASP A 93 -19.04 -3.23 -3.22
N LEU A 94 -18.26 -3.86 -2.36
CA LEU A 94 -18.14 -5.29 -2.38
C LEU A 94 -19.46 -5.93 -2.07
N ASP A 95 -20.23 -5.31 -1.19
CA ASP A 95 -21.56 -5.78 -0.83
C ASP A 95 -22.48 -5.66 -2.05
N ASN A 96 -22.42 -4.50 -2.69
CA ASN A 96 -23.29 -4.22 -3.83
C ASN A 96 -23.03 -5.20 -4.95
N GLN A 97 -21.76 -5.53 -5.13
CA GLN A 97 -21.40 -6.45 -6.20
C GLN A 97 -21.87 -7.83 -5.86
N LEU A 98 -21.76 -8.21 -4.57
CA LEU A 98 -22.16 -9.53 -4.10
C LEU A 98 -23.65 -9.69 -4.18
N ARG A 99 -24.34 -8.56 -4.05
CA ARG A 99 -25.78 -8.51 -4.08
C ARG A 99 -26.33 -8.94 -5.42
N LYS A 100 -25.56 -8.65 -6.46
CA LYS A 100 -25.93 -8.95 -7.83
C LYS A 100 -25.73 -10.42 -8.21
N LEU A 101 -25.03 -11.13 -7.33
CA LEU A 101 -24.87 -12.57 -7.44
C LEU A 101 -25.76 -13.31 -6.44
N ASN A 102 -26.90 -12.71 -6.10
CA ASN A 102 -27.85 -13.25 -5.10
C ASN A 102 -27.27 -13.48 -3.70
N SER A 103 -26.18 -12.81 -3.39
CA SER A 103 -25.55 -12.97 -2.10
C SER A 103 -25.47 -11.62 -1.39
N ARG A 104 -24.45 -11.49 -0.52
CA ARG A 104 -24.19 -10.27 0.23
C ARG A 104 -22.96 -10.45 1.04
N LEU A 105 -22.43 -9.33 1.50
CA LEU A 105 -21.30 -9.32 2.41
C LEU A 105 -21.84 -9.39 3.81
N PHE A 106 -21.08 -10.07 4.66
CA PHE A 106 -21.34 -10.15 6.08
C PHE A 106 -20.11 -9.60 6.79
N VAL A 107 -20.28 -8.44 7.41
CA VAL A 107 -19.19 -7.84 8.18
C VAL A 107 -19.36 -8.15 9.64
N VAL A 108 -18.59 -9.12 10.08
CA VAL A 108 -18.65 -9.67 11.41
C VAL A 108 -17.68 -8.94 12.29
N ARG A 109 -18.18 -8.31 13.35
CA ARG A 109 -17.32 -7.59 14.27
C ARG A 109 -16.75 -8.50 15.32
N GLY A 110 -15.44 -8.44 15.51
CA GLY A 110 -14.79 -9.28 16.50
C GLY A 110 -13.38 -9.66 16.12
N LYS A 111 -12.76 -10.47 16.97
CA LYS A 111 -11.41 -10.96 16.72
C LYS A 111 -11.54 -12.35 16.13
N PRO A 112 -10.85 -12.58 15.03
CA PRO A 112 -10.94 -13.88 14.34
C PRO A 112 -10.93 -15.08 15.27
N ALA A 113 -10.11 -14.99 16.31
CA ALA A 113 -9.86 -16.08 17.27
C ALA A 113 -11.11 -16.46 18.07
N GLU A 114 -11.98 -15.48 18.27
CA GLU A 114 -13.14 -15.64 19.17
C GLU A 114 -14.42 -15.66 18.36
N VAL A 115 -14.27 -15.55 17.06
CA VAL A 115 -15.41 -15.50 16.14
C VAL A 115 -15.52 -16.82 15.44
N PHE A 116 -14.42 -17.24 14.83
CA PHE A 116 -14.39 -18.49 14.09
C PHE A 116 -14.92 -19.71 14.85
N PRO A 117 -14.50 -19.90 16.10
CA PRO A 117 -15.05 -21.03 16.84
C PRO A 117 -16.58 -21.01 16.90
N ARG A 118 -17.12 -19.81 17.07
CA ARG A 118 -18.56 -19.62 17.13
C ARG A 118 -19.26 -19.88 15.80
N ILE A 119 -18.70 -19.33 14.73
CA ILE A 119 -19.31 -19.47 13.42
C ILE A 119 -19.33 -20.87 12.82
N PHE A 120 -18.25 -21.63 13.01
CA PHE A 120 -18.23 -22.97 12.46
C PHE A 120 -19.34 -23.78 13.09
N LYS A 121 -19.45 -23.66 14.40
CA LYS A 121 -20.47 -24.37 15.16
C LYS A 121 -21.90 -23.93 14.89
N SER A 122 -22.11 -22.62 14.78
CA SER A 122 -23.46 -22.10 14.64
C SER A 122 -23.98 -22.13 13.22
N TRP A 123 -23.10 -21.87 12.27
CA TRP A 123 -23.45 -21.87 10.84
C TRP A 123 -23.27 -23.22 10.22
N ARG A 124 -22.54 -24.09 10.93
CA ARG A 124 -22.18 -25.44 10.46
C ARG A 124 -21.39 -25.32 9.18
N VAL A 125 -20.24 -24.68 9.33
CA VAL A 125 -19.33 -24.43 8.23
C VAL A 125 -18.57 -25.67 7.79
N GLU A 126 -18.64 -25.97 6.50
CA GLU A 126 -17.93 -27.11 5.90
C GLU A 126 -16.62 -26.70 5.23
N MET A 127 -16.58 -25.49 4.70
CA MET A 127 -15.39 -25.04 4.03
C MET A 127 -15.09 -23.57 4.27
N LEU A 128 -13.81 -23.25 4.38
CA LEU A 128 -13.37 -21.89 4.56
C LEU A 128 -12.32 -21.62 3.51
N THR A 129 -12.44 -20.52 2.79
CA THR A 129 -11.45 -20.20 1.78
C THR A 129 -11.01 -18.75 1.86
N PHE A 130 -9.72 -18.52 1.65
CA PHE A 130 -9.20 -17.17 1.63
C PHE A 130 -7.97 -17.00 0.74
N GLU A 131 -7.60 -15.74 0.54
CA GLU A 131 -6.40 -15.36 -0.18
C GLU A 131 -5.19 -15.28 0.80
N THR A 132 -4.10 -15.96 0.45
CA THR A 132 -2.93 -16.01 1.32
C THR A 132 -2.19 -14.69 1.47
N ASP A 133 -1.77 -14.38 2.69
CA ASP A 133 -1.01 -13.17 2.96
C ASP A 133 0.29 -13.46 3.69
N ILE A 134 1.38 -12.96 3.13
CA ILE A 134 2.73 -13.14 3.64
C ILE A 134 3.12 -12.33 4.88
N GLU A 135 2.34 -11.33 5.23
CA GLU A 135 2.67 -10.49 6.38
C GLU A 135 2.71 -11.33 7.64
N PRO A 136 3.58 -10.97 8.56
CA PRO A 136 3.76 -11.76 9.78
C PRO A 136 2.50 -11.86 10.62
N TYR A 137 1.76 -10.79 10.81
CA TYR A 137 0.52 -10.90 11.57
C TYR A 137 -0.38 -11.93 10.90
N SER A 138 -0.50 -11.82 9.58
CA SER A 138 -1.41 -12.66 8.81
C SER A 138 -0.96 -14.12 8.85
N VAL A 139 0.35 -14.32 8.87
CA VAL A 139 0.90 -15.68 8.90
C VAL A 139 0.49 -16.39 10.16
N THR A 140 0.72 -15.72 11.29
CA THR A 140 0.44 -16.28 12.63
C THR A 140 -1.06 -16.45 12.86
N ARG A 141 -1.83 -15.53 12.28
CA ARG A 141 -3.29 -15.52 12.38
C ARG A 141 -3.85 -16.70 11.63
N ASP A 142 -3.44 -16.81 10.38
CA ASP A 142 -3.96 -17.83 9.48
C ASP A 142 -3.64 -19.23 9.98
N ALA A 143 -2.44 -19.35 10.55
CA ALA A 143 -1.95 -20.60 11.10
C ALA A 143 -2.88 -21.02 12.23
N ALA A 144 -3.25 -20.02 13.04
CA ALA A 144 -4.12 -20.23 14.20
C ALA A 144 -5.51 -20.69 13.72
N VAL A 145 -5.99 -20.07 12.64
CA VAL A 145 -7.31 -20.40 12.07
C VAL A 145 -7.26 -21.75 11.30
N GLN A 146 -6.08 -22.07 10.76
CA GLN A 146 -5.85 -23.35 10.09
C GLN A 146 -5.92 -24.46 11.11
N LYS A 147 -5.36 -24.17 12.30
CA LYS A 147 -5.28 -25.14 13.38
C LYS A 147 -6.69 -25.38 13.89
N LEU A 148 -7.44 -24.29 14.03
CA LEU A 148 -8.75 -24.32 14.66
C LEU A 148 -9.75 -25.08 13.80
N ALA A 149 -9.59 -24.90 12.50
CA ALA A 149 -10.44 -25.54 11.51
C ALA A 149 -10.13 -27.01 11.45
N LYS A 150 -8.87 -27.34 11.66
CA LYS A 150 -8.39 -28.73 11.55
C LYS A 150 -8.98 -29.63 12.63
N ALA A 151 -9.08 -29.08 13.83
CA ALA A 151 -9.71 -29.71 14.98
C ALA A 151 -11.22 -29.83 14.74
N GLU A 152 -11.80 -28.77 14.20
CA GLU A 152 -13.26 -28.62 14.08
C GLU A 152 -13.79 -29.35 12.88
N GLY A 153 -12.86 -29.89 12.09
CA GLY A 153 -13.20 -30.69 10.93
C GLY A 153 -13.77 -29.79 9.87
N VAL A 154 -13.04 -28.71 9.57
CA VAL A 154 -13.42 -27.73 8.55
C VAL A 154 -12.36 -27.70 7.47
N ARG A 155 -12.80 -27.84 6.22
CA ARG A 155 -11.91 -27.87 5.08
C ARG A 155 -11.47 -26.46 4.67
N VAL A 156 -10.14 -26.26 4.58
CA VAL A 156 -9.57 -24.97 4.19
C VAL A 156 -8.73 -25.07 2.93
N GLU A 157 -9.13 -24.28 1.94
CA GLU A 157 -8.43 -24.18 0.65
C GLU A 157 -8.05 -22.73 0.41
N THR A 158 -6.74 -22.47 0.42
CA THR A 158 -6.25 -21.09 0.26
C THR A 158 -5.63 -20.91 -1.10
N HIS A 159 -5.72 -19.68 -1.58
CA HIS A 159 -5.23 -19.33 -2.91
C HIS A 159 -4.34 -18.09 -2.85
N CYS A 160 -3.43 -18.03 -3.81
CA CYS A 160 -2.43 -17.00 -3.84
C CYS A 160 -2.67 -16.16 -5.07
N SER A 161 -3.38 -15.05 -4.86
CA SER A 161 -3.80 -14.16 -5.97
C SER A 161 -3.59 -12.69 -5.67
N HIS A 162 -2.91 -12.38 -4.58
CA HIS A 162 -2.60 -11.00 -4.26
C HIS A 162 -1.46 -10.53 -5.12
N THR A 163 -0.55 -11.46 -5.37
CA THR A 163 0.57 -11.24 -6.26
C THR A 163 0.46 -12.17 -7.44
N ILE A 164 1.10 -11.75 -8.53
CA ILE A 164 1.14 -12.51 -9.77
C ILE A 164 1.87 -13.83 -9.55
N TYR A 165 3.07 -13.71 -8.96
CA TYR A 165 3.95 -14.82 -8.64
C TYR A 165 3.99 -15.11 -7.16
N ASN A 166 3.78 -16.37 -6.81
CA ASN A 166 3.89 -16.85 -5.45
C ASN A 166 5.33 -16.64 -4.95
N PRO A 167 5.52 -15.82 -3.92
CA PRO A 167 6.85 -15.57 -3.35
C PRO A 167 7.52 -16.86 -2.85
N GLU A 168 6.69 -17.79 -2.42
CA GLU A 168 7.20 -19.06 -1.94
C GLU A 168 7.92 -19.82 -3.07
N LEU A 169 7.28 -19.85 -4.23
CA LEU A 169 7.81 -20.56 -5.38
C LEU A 169 9.00 -19.83 -5.98
N VAL A 170 9.02 -18.52 -5.86
CA VAL A 170 10.13 -17.72 -6.39
C VAL A 170 11.40 -18.03 -5.58
N ILE A 171 11.25 -18.07 -4.26
CA ILE A 171 12.35 -18.38 -3.35
C ILE A 171 12.85 -19.79 -3.67
N ALA A 172 11.88 -20.68 -3.87
CA ALA A 172 12.13 -22.10 -4.11
C ALA A 172 13.07 -22.24 -5.28
N LYS A 173 12.72 -21.58 -6.38
CA LYS A 173 13.43 -21.74 -7.64
C LYS A 173 14.79 -21.05 -7.60
N ASN A 174 14.96 -20.07 -6.71
CA ASN A 174 16.29 -19.46 -6.49
C ASN A 174 17.07 -20.22 -5.40
N LEU A 175 16.81 -21.53 -5.36
CA LEU A 175 17.46 -22.48 -4.45
C LEU A 175 17.24 -22.13 -2.97
N GLY A 176 16.05 -21.66 -2.65
CA GLY A 176 15.66 -21.41 -1.27
C GLY A 176 16.07 -20.06 -0.72
N LYS A 177 16.59 -19.20 -1.59
CA LYS A 177 16.92 -17.81 -1.26
C LYS A 177 16.02 -16.82 -2.02
N ALA A 178 15.68 -15.72 -1.34
CA ALA A 178 14.92 -14.64 -1.98
C ALA A 178 15.89 -13.74 -2.69
N PRO A 179 15.73 -13.57 -4.02
CA PRO A 179 16.61 -12.72 -4.84
C PRO A 179 16.64 -11.27 -4.37
N ILE A 180 17.85 -10.72 -4.21
CA ILE A 180 17.98 -9.40 -3.61
C ILE A 180 18.36 -8.35 -4.65
N THR A 181 18.30 -8.75 -5.92
CA THR A 181 18.46 -7.82 -7.05
C THR A 181 17.35 -8.03 -8.06
N TYR A 182 16.91 -6.91 -8.64
CA TYR A 182 15.75 -6.85 -9.50
C TYR A 182 15.91 -7.65 -10.76
N GLN A 183 17.07 -7.50 -11.42
CA GLN A 183 17.32 -8.19 -12.72
C GLN A 183 17.33 -9.70 -12.51
N LYS A 184 17.90 -10.10 -11.38
CA LYS A 184 18.03 -11.50 -10.99
C LYS A 184 16.62 -12.08 -10.76
N PHE A 185 15.77 -11.27 -10.15
CA PHE A 185 14.40 -11.65 -9.82
C PHE A 185 13.59 -11.90 -11.08
N LEU A 186 13.78 -11.02 -12.06
CA LEU A 186 13.11 -11.14 -13.35
C LEU A 186 13.48 -12.45 -14.05
N GLY A 187 14.75 -12.81 -13.96
CA GLY A 187 15.28 -14.03 -14.56
C GLY A 187 14.66 -15.26 -13.93
N ILE A 188 14.46 -15.22 -12.63
CA ILE A 188 13.80 -16.33 -11.94
C ILE A 188 12.31 -16.47 -12.26
N VAL A 189 11.61 -15.34 -12.25
CA VAL A 189 10.17 -15.29 -12.49
C VAL A 189 9.69 -15.64 -13.88
N GLU A 190 10.44 -15.23 -14.89
CA GLU A 190 10.04 -15.44 -16.26
C GLU A 190 9.91 -16.91 -16.57
N GLN A 191 10.62 -17.73 -15.81
CA GLN A 191 10.58 -19.17 -16.04
C GLN A 191 9.54 -19.86 -15.14
N LEU A 192 8.63 -19.06 -14.61
CA LEU A 192 7.51 -19.58 -13.82
C LEU A 192 6.21 -19.34 -14.56
N LYS A 193 5.26 -20.24 -14.37
CA LYS A 193 3.99 -20.16 -15.07
C LYS A 193 3.14 -19.10 -14.43
N VAL A 194 2.55 -18.24 -15.27
CA VAL A 194 1.62 -17.21 -14.83
C VAL A 194 0.19 -17.77 -14.78
N PRO A 195 -0.44 -17.75 -13.60
CA PRO A 195 -1.79 -18.32 -13.41
C PRO A 195 -2.92 -17.64 -14.19
N LYS A 196 -3.99 -18.39 -14.40
CA LYS A 196 -5.12 -17.93 -15.16
C LYS A 196 -5.93 -16.90 -14.41
N VAL A 197 -6.18 -15.81 -15.09
CA VAL A 197 -6.93 -14.70 -14.53
C VAL A 197 -8.38 -14.96 -14.77
N LEU A 198 -9.12 -15.05 -13.67
CA LEU A 198 -10.54 -15.39 -13.71
C LEU A 198 -11.46 -14.18 -13.83
N GLY A 199 -12.68 -14.47 -14.25
CA GLY A 199 -13.72 -13.49 -14.31
C GLY A 199 -14.44 -13.40 -12.98
N VAL A 200 -15.66 -12.90 -13.04
CA VAL A 200 -16.53 -12.80 -11.87
C VAL A 200 -17.23 -14.12 -11.60
N PRO A 201 -17.63 -14.33 -10.35
CA PRO A 201 -18.32 -15.56 -9.95
C PRO A 201 -19.76 -15.61 -10.47
N GLU A 202 -20.31 -16.81 -10.62
CA GLU A 202 -21.68 -16.98 -11.10
C GLU A 202 -22.79 -16.65 -10.09
N LYS A 203 -23.96 -16.30 -10.61
CA LYS A 203 -25.14 -15.89 -9.85
C LYS A 203 -25.67 -17.10 -9.12
N LEU A 204 -25.63 -17.07 -7.80
CA LEU A 204 -26.06 -18.21 -7.00
C LEU A 204 -27.48 -18.66 -7.33
N LYS A 205 -27.60 -19.92 -7.76
CA LYS A 205 -28.89 -20.48 -8.15
C LYS A 205 -29.54 -21.05 -6.91
N ASN A 206 -30.75 -20.60 -6.63
CA ASN A 206 -31.59 -21.13 -5.54
C ASN A 206 -30.94 -21.05 -4.17
N MET A 207 -30.80 -19.81 -3.70
CA MET A 207 -30.04 -19.51 -2.48
C MET A 207 -30.81 -18.53 -1.61
N PRO A 208 -31.68 -19.06 -0.74
CA PRO A 208 -32.38 -18.18 0.16
C PRO A 208 -31.42 -17.67 1.21
N THR A 209 -31.83 -16.61 1.90
CA THR A 209 -30.99 -16.06 2.95
C THR A 209 -30.79 -17.15 4.03
N PRO A 210 -29.55 -17.32 4.47
CA PRO A 210 -29.31 -18.19 5.59
C PRO A 210 -30.07 -17.72 6.82
N PRO A 211 -30.54 -18.67 7.62
CA PRO A 211 -31.29 -18.33 8.83
C PRO A 211 -30.43 -17.51 9.78
N LYS A 212 -31.04 -16.56 10.46
CA LYS A 212 -30.31 -15.68 11.35
C LYS A 212 -29.65 -16.44 12.50
N ASP A 213 -28.39 -16.10 12.74
CA ASP A 213 -27.61 -16.69 13.81
C ASP A 213 -27.92 -16.00 15.12
N GLU A 214 -27.57 -16.64 16.22
CA GLU A 214 -27.80 -16.07 17.55
C GLU A 214 -27.68 -14.54 17.55
N VAL A 215 -26.61 -14.05 16.93
CA VAL A 215 -26.29 -12.59 16.88
C VAL A 215 -27.23 -11.78 15.96
N GLU A 216 -27.66 -12.41 14.87
CA GLU A 216 -28.61 -11.82 13.91
C GLU A 216 -30.05 -11.76 14.45
N GLN A 217 -30.39 -12.70 15.34
CA GLN A 217 -31.73 -12.73 15.90
C GLN A 217 -31.86 -11.55 16.82
N LYS A 218 -30.80 -11.25 17.57
CA LYS A 218 -30.83 -10.18 18.57
C LYS A 218 -30.78 -8.80 17.92
N ASP A 219 -30.07 -8.75 16.81
CA ASP A 219 -30.04 -7.56 15.94
C ASP A 219 -29.82 -7.93 14.45
N SER A 220 -30.85 -7.69 13.64
CA SER A 220 -30.84 -8.04 12.22
C SER A 220 -29.75 -7.34 11.39
N ALA A 221 -29.44 -6.11 11.74
CA ALA A 221 -28.47 -5.29 11.00
C ALA A 221 -27.05 -5.47 11.49
N ALA A 222 -26.83 -6.51 12.29
CA ALA A 222 -25.52 -6.76 12.87
C ALA A 222 -24.36 -7.01 11.91
N TYR A 223 -24.58 -7.72 10.81
CA TYR A 223 -23.49 -7.99 9.89
C TYR A 223 -23.54 -7.10 8.68
N ASP A 224 -24.27 -5.98 8.82
CA ASP A 224 -24.39 -4.98 7.77
C ASP A 224 -23.10 -4.22 7.65
N CYS A 225 -22.96 -3.53 6.51
CA CYS A 225 -21.80 -2.68 6.25
C CYS A 225 -21.68 -1.57 7.24
N PRO A 226 -20.45 -1.28 7.66
CA PRO A 226 -20.24 -0.19 8.57
C PRO A 226 -20.54 1.10 7.91
N THR A 227 -21.15 1.98 8.68
CA THR A 227 -21.40 3.32 8.24
C THR A 227 -20.09 4.12 8.38
N MET A 228 -20.08 5.30 7.77
CA MET A 228 -18.95 6.20 7.92
C MET A 228 -18.68 6.53 9.39
N LYS A 229 -19.74 6.80 10.16
CA LYS A 229 -19.60 7.13 11.56
C LYS A 229 -18.93 6.00 12.31
N GLN A 230 -19.26 4.78 11.90
CA GLN A 230 -18.82 3.59 12.60
C GLN A 230 -17.36 3.34 12.39
N LEU A 231 -16.83 3.73 11.25
CA LEU A 231 -15.41 3.46 10.94
C LEU A 231 -14.50 4.66 11.11
N VAL A 232 -15.05 5.85 10.86
CA VAL A 232 -14.29 7.10 10.85
C VAL A 232 -14.50 7.92 12.12
N LYS A 233 -13.68 7.62 13.12
CA LYS A 233 -13.88 8.15 14.46
C LYS A 233 -13.45 9.60 14.57
N ARG A 234 -12.54 10.00 13.71
CA ARG A 234 -12.04 11.37 13.67
C ARG A 234 -12.18 11.98 12.27
N PRO A 235 -13.41 12.35 11.89
CA PRO A 235 -13.73 12.75 10.52
C PRO A 235 -13.16 14.08 10.11
N GLU A 236 -12.68 14.85 11.07
CA GLU A 236 -12.08 16.16 10.77
C GLU A 236 -10.73 16.01 10.05
N GLU A 237 -10.16 14.81 10.14
CA GLU A 237 -8.93 14.44 9.45
C GLU A 237 -9.18 13.98 8.01
N LEU A 238 -10.43 13.95 7.60
CA LEU A 238 -10.75 13.60 6.24
C LEU A 238 -10.50 14.79 5.35
N GLY A 239 -9.83 14.52 4.25
CA GLY A 239 -9.62 15.47 3.19
C GLY A 239 -10.48 15.13 2.00
N PRO A 240 -10.24 15.78 0.86
CA PRO A 240 -11.10 15.64 -0.31
C PRO A 240 -11.12 14.22 -0.81
N ASN A 241 -12.30 13.74 -1.17
CA ASN A 241 -12.46 12.35 -1.61
C ASN A 241 -12.01 12.04 -3.05
N LYS A 242 -10.70 12.23 -3.28
CA LYS A 242 -10.10 12.11 -4.62
C LYS A 242 -10.07 10.70 -5.17
N PHE A 243 -10.05 9.70 -4.29
CA PHE A 243 -9.85 8.30 -4.71
C PHE A 243 -10.80 7.38 -3.99
N PRO A 244 -12.02 7.23 -4.52
CA PRO A 244 -13.01 6.38 -3.89
C PRO A 244 -12.57 4.95 -3.91
N GLY A 245 -13.01 4.23 -2.90
CA GLY A 245 -12.71 2.82 -2.73
C GLY A 245 -13.59 1.88 -3.50
N GLY A 246 -13.18 0.64 -3.50
CA GLY A 246 -13.91 -0.39 -4.17
C GLY A 246 -13.36 -0.83 -5.51
N GLU A 247 -13.81 -2.01 -5.88
CA GLU A 247 -13.44 -2.71 -7.10
C GLU A 247 -13.95 -1.95 -8.32
N THR A 248 -15.16 -1.42 -8.20
CA THR A 248 -15.82 -0.74 -9.31
C THR A 248 -14.98 0.42 -9.79
N GLU A 249 -14.58 1.27 -8.86
CA GLU A 249 -13.78 2.43 -9.19
C GLU A 249 -12.40 1.99 -9.64
N ALA A 250 -11.90 0.89 -9.09
CA ALA A 250 -10.57 0.40 -9.42
C ALA A 250 -10.52 0.08 -10.92
N LEU A 251 -11.49 -0.74 -11.31
CA LEU A 251 -11.61 -1.19 -12.69
C LEU A 251 -11.83 0.00 -13.63
N ARG A 252 -12.66 0.92 -13.19
CA ARG A 252 -12.92 2.13 -13.93
C ARG A 252 -11.65 2.94 -14.14
N ARG A 253 -10.85 3.07 -13.09
CA ARG A 253 -9.68 3.89 -13.15
C ARG A 253 -8.74 3.20 -14.08
N MET A 254 -8.60 1.90 -13.89
CA MET A 254 -7.65 1.16 -14.72
C MET A 254 -7.97 1.32 -16.22
N GLU A 255 -9.22 1.10 -16.57
CA GLU A 255 -9.64 1.19 -17.97
C GLU A 255 -9.29 2.53 -18.55
N GLU A 256 -9.47 3.59 -17.78
CA GLU A 256 -9.18 4.92 -18.27
C GLU A 256 -7.69 5.14 -18.43
N SER A 257 -6.92 4.51 -17.55
CA SER A 257 -5.49 4.60 -17.55
C SER A 257 -4.92 3.92 -18.78
N LEU A 258 -5.62 2.87 -19.22
CA LEU A 258 -5.15 2.02 -20.33
C LEU A 258 -5.62 2.53 -21.67
N LYS A 259 -6.46 3.54 -21.62
CA LYS A 259 -7.11 4.04 -22.83
C LYS A 259 -6.04 4.50 -23.85
N ASP A 260 -5.21 5.44 -23.43
CA ASP A 260 -4.08 5.86 -24.22
C ASP A 260 -3.00 4.81 -24.14
N GLU A 261 -2.98 3.94 -25.14
CA GLU A 261 -2.01 2.87 -25.21
C GLU A 261 -0.59 3.32 -25.47
N ILE A 262 -0.44 4.47 -26.13
CA ILE A 262 0.88 5.01 -26.42
C ILE A 262 1.57 5.40 -25.12
N TRP A 263 0.83 6.11 -24.26
CA TRP A 263 1.31 6.53 -22.95
C TRP A 263 1.79 5.32 -22.13
N VAL A 264 0.93 4.32 -22.12
CA VAL A 264 1.19 3.10 -21.40
C VAL A 264 2.47 2.47 -21.89
N ALA A 265 2.60 2.40 -23.20
CA ALA A 265 3.66 1.66 -23.84
C ALA A 265 5.02 2.33 -23.61
N ARG A 266 5.01 3.65 -23.67
CA ARG A 266 6.25 4.43 -23.63
C ARG A 266 6.56 4.91 -22.23
N PHE A 267 5.76 4.44 -21.27
CA PHE A 267 5.87 4.81 -19.87
C PHE A 267 7.24 4.53 -19.30
N GLU A 268 7.84 5.54 -18.72
CA GLU A 268 9.08 5.39 -17.97
C GLU A 268 8.98 6.17 -16.65
N LYS A 269 9.00 5.42 -15.56
CA LYS A 269 8.79 5.96 -14.23
C LYS A 269 9.60 7.24 -13.88
N PRO A 270 10.92 7.25 -14.16
CA PRO A 270 11.70 8.43 -13.77
C PRO A 270 11.31 9.69 -14.46
N ASN A 271 10.69 9.54 -15.63
CA ASN A 271 10.29 10.67 -16.45
C ASN A 271 8.93 11.28 -16.08
N THR A 272 8.32 10.76 -15.03
CA THR A 272 7.02 11.23 -14.55
C THR A 272 7.22 12.21 -13.41
N ALA A 273 6.47 13.31 -13.41
CA ALA A 273 6.64 14.36 -12.42
C ALA A 273 5.91 14.17 -11.09
N PRO A 274 6.66 14.33 -10.01
CA PRO A 274 6.15 14.24 -8.64
C PRO A 274 5.19 15.36 -8.26
N ASN A 275 5.47 16.56 -8.73
CA ASN A 275 4.73 17.76 -8.38
C ASN A 275 3.62 18.23 -9.32
N SER A 276 3.24 17.41 -10.28
CA SER A 276 2.20 17.84 -11.21
C SER A 276 0.93 17.85 -10.40
N LEU A 277 0.02 18.76 -10.71
CA LEU A 277 -1.16 18.96 -9.86
C LEU A 277 -2.12 17.79 -9.97
N GLU A 278 -2.16 17.22 -11.17
CA GLU A 278 -2.86 15.95 -11.40
C GLU A 278 -1.78 14.89 -11.45
N PRO A 279 -2.12 13.67 -11.03
CA PRO A 279 -1.15 12.59 -10.99
C PRO A 279 -0.58 12.21 -12.35
N SER A 280 0.75 12.14 -12.40
CA SER A 280 1.47 11.72 -13.58
C SER A 280 1.22 10.25 -13.82
N THR A 281 1.21 9.49 -12.72
CA THR A 281 0.99 8.06 -12.74
C THR A 281 -0.48 7.67 -12.62
N THR A 282 -0.73 6.37 -12.70
CA THR A 282 -2.06 5.81 -12.61
C THR A 282 -2.83 5.99 -11.29
N VAL A 283 -2.11 5.93 -10.17
CA VAL A 283 -2.73 5.92 -8.84
C VAL A 283 -3.69 4.75 -8.69
N LEU A 284 -3.18 3.57 -9.03
CA LEU A 284 -3.92 2.34 -8.84
C LEU A 284 -3.41 1.61 -7.59
N SER A 285 -2.40 2.19 -6.95
CA SER A 285 -1.78 1.53 -5.82
C SER A 285 -2.74 1.19 -4.67
N PRO A 286 -3.66 2.10 -4.32
CA PRO A 286 -4.48 1.77 -3.16
C PRO A 286 -5.38 0.64 -3.46
N TYR A 287 -5.78 0.56 -4.71
CA TYR A 287 -6.68 -0.49 -5.16
C TYR A 287 -5.94 -1.79 -5.24
N LEU A 288 -4.67 -1.71 -5.57
CA LEU A 288 -3.83 -2.89 -5.62
C LEU A 288 -3.49 -3.36 -4.22
N LYS A 289 -3.43 -2.41 -3.30
CA LYS A 289 -3.10 -2.71 -1.91
C LYS A 289 -4.25 -3.47 -1.22
N PHE A 290 -5.47 -2.95 -1.33
CA PHE A 290 -6.67 -3.54 -0.73
C PHE A 290 -7.16 -4.75 -1.52
N GLY A 291 -6.66 -4.88 -2.74
CA GLY A 291 -7.03 -5.97 -3.59
C GLY A 291 -8.35 -5.71 -4.30
N CYS A 292 -8.73 -4.43 -4.40
CA CYS A 292 -9.86 -3.97 -5.20
C CYS A 292 -9.60 -4.19 -6.69
N LEU A 293 -8.32 -4.17 -7.05
CA LEU A 293 -7.87 -4.49 -8.40
C LEU A 293 -6.90 -5.65 -8.38
N SER A 294 -7.12 -6.58 -9.31
CA SER A 294 -6.27 -7.75 -9.44
C SER A 294 -5.03 -7.36 -10.19
N ALA A 295 -3.87 -7.58 -9.58
CA ALA A 295 -2.57 -7.27 -10.18
C ALA A 295 -2.29 -8.17 -11.37
N ARG A 296 -3.07 -9.22 -11.50
CA ARG A 296 -2.90 -10.17 -12.58
C ARG A 296 -3.70 -9.80 -13.82
N LEU A 297 -4.88 -9.26 -13.56
CA LEU A 297 -5.70 -8.65 -14.57
C LEU A 297 -4.97 -7.43 -15.13
N PHE A 298 -4.22 -6.76 -14.28
CA PHE A 298 -3.58 -5.55 -14.69
C PHE A 298 -2.39 -5.92 -15.56
N ASN A 299 -1.63 -6.90 -15.09
CA ASN A 299 -0.45 -7.40 -15.79
C ASN A 299 -0.84 -7.88 -17.14
N GLN A 300 -1.92 -8.66 -17.15
CA GLN A 300 -2.49 -9.24 -18.35
C GLN A 300 -2.90 -8.19 -19.33
N LYS A 301 -3.57 -7.15 -18.85
CA LYS A 301 -4.02 -6.06 -19.70
C LYS A 301 -2.85 -5.30 -20.32
N LEU A 302 -1.79 -5.16 -19.54
CA LEU A 302 -0.59 -4.43 -19.93
C LEU A 302 0.13 -5.18 -21.01
N LYS A 303 0.24 -6.48 -20.81
CA LYS A 303 0.94 -7.32 -21.76
C LYS A 303 0.28 -7.22 -23.14
N GLU A 304 -1.04 -7.27 -23.15
CA GLU A 304 -1.82 -7.14 -24.38
C GLU A 304 -1.53 -5.82 -25.13
N ILE A 305 -1.22 -4.79 -24.39
CA ILE A 305 -0.98 -3.49 -25.00
C ILE A 305 0.41 -3.43 -25.56
N ILE A 306 1.37 -3.97 -24.82
CA ILE A 306 2.78 -3.92 -25.23
C ILE A 306 2.92 -4.59 -26.57
N LYS A 307 2.14 -5.66 -26.72
CA LYS A 307 2.18 -6.49 -27.90
C LYS A 307 1.67 -5.76 -29.12
N ARG A 308 0.76 -4.82 -28.94
CA ARG A 308 0.23 -4.06 -30.06
C ARG A 308 1.05 -2.81 -30.35
N GLN A 309 2.01 -2.53 -29.48
CA GLN A 309 2.84 -1.33 -29.60
C GLN A 309 4.33 -1.69 -29.81
N PRO A 310 4.86 -1.41 -31.01
CA PRO A 310 6.25 -1.68 -31.32
C PRO A 310 7.18 -0.88 -30.41
N LYS A 311 7.08 0.44 -30.46
CA LYS A 311 7.87 1.29 -29.58
C LYS A 311 7.31 1.14 -28.20
N HIS A 312 8.10 0.54 -27.31
CA HIS A 312 7.72 0.46 -25.93
C HIS A 312 8.89 0.30 -24.99
N SER A 313 8.71 0.80 -23.78
CA SER A 313 9.69 0.69 -22.72
C SER A 313 9.67 -0.70 -22.06
N GLN A 314 10.70 -0.96 -21.28
CA GLN A 314 10.88 -2.26 -20.65
C GLN A 314 11.28 -2.04 -19.21
N PRO A 315 11.37 -3.12 -18.45
CA PRO A 315 11.72 -3.03 -17.03
C PRO A 315 13.15 -2.55 -16.85
N PRO A 316 13.45 -1.90 -15.73
CA PRO A 316 12.48 -1.68 -14.65
C PRO A 316 11.68 -0.39 -14.77
N VAL A 317 11.98 0.44 -15.75
CA VAL A 317 11.28 1.73 -15.89
C VAL A 317 9.83 1.61 -16.40
N SER A 318 9.51 0.52 -17.07
CA SER A 318 8.21 0.41 -17.73
C SER A 318 7.12 0.17 -16.75
N LEU A 319 5.88 0.21 -17.23
CA LEU A 319 4.71 0.08 -16.35
C LEU A 319 4.56 -1.32 -15.84
N ILE A 320 4.90 -2.30 -16.68
CA ILE A 320 4.94 -3.69 -16.19
C ILE A 320 6.06 -3.79 -15.15
N GLY A 321 7.17 -3.12 -15.44
CA GLY A 321 8.31 -3.04 -14.54
C GLY A 321 7.88 -2.67 -13.14
N GLN A 322 7.04 -1.65 -13.05
CA GLN A 322 6.53 -1.16 -11.77
C GLN A 322 5.73 -2.22 -11.03
N LEU A 323 5.00 -3.02 -11.79
CA LEU A 323 4.20 -4.10 -11.21
C LEU A 323 5.13 -5.22 -10.69
N MET A 324 6.25 -5.42 -11.39
CA MET A 324 7.27 -6.40 -11.06
C MET A 324 8.07 -5.96 -9.86
N TRP A 325 8.18 -4.65 -9.64
CA TRP A 325 8.77 -4.12 -8.43
C TRP A 325 7.94 -4.45 -7.20
N ARG A 326 6.63 -4.44 -7.38
CA ARG A 326 5.74 -4.83 -6.31
C ARG A 326 5.96 -6.29 -5.98
N GLU A 327 6.15 -7.10 -7.01
CA GLU A 327 6.38 -8.54 -6.81
C GLU A 327 7.72 -8.81 -6.14
N PHE A 328 8.71 -8.03 -6.55
CA PHE A 328 10.05 -8.15 -6.00
C PHE A 328 10.03 -8.00 -4.49
N TYR A 329 9.39 -6.90 -4.06
CA TYR A 329 9.33 -6.52 -2.67
C TYR A 329 8.54 -7.53 -1.89
N TYR A 330 7.51 -8.05 -2.53
CA TYR A 330 6.68 -9.04 -1.85
C TYR A 330 7.43 -10.33 -1.59
N THR A 331 8.33 -10.67 -2.50
CA THR A 331 9.13 -11.88 -2.34
C THR A 331 10.12 -11.71 -1.22
N VAL A 332 10.91 -10.66 -1.29
CA VAL A 332 11.97 -10.46 -0.28
C VAL A 332 11.41 -10.29 1.12
N ALA A 333 10.22 -9.71 1.21
CA ALA A 333 9.56 -9.49 2.49
C ALA A 333 9.08 -10.83 3.07
N ALA A 334 8.72 -11.76 2.19
CA ALA A 334 8.13 -13.06 2.57
C ALA A 334 9.15 -13.93 3.32
N ALA A 335 10.40 -13.72 2.99
CA ALA A 335 11.51 -14.47 3.58
C ALA A 335 12.01 -13.88 4.90
N GLU A 336 11.49 -12.71 5.31
CA GLU A 336 12.03 -11.97 6.43
C GLU A 336 10.93 -11.26 7.25
N PRO A 337 10.56 -11.83 8.42
CA PRO A 337 9.60 -11.20 9.33
C PRO A 337 10.05 -9.84 9.89
N ASN A 338 11.36 -9.64 9.99
CA ASN A 338 11.92 -8.36 10.45
C ASN A 338 12.16 -7.39 9.29
N PHE A 339 11.28 -7.48 8.29
CA PHE A 339 11.42 -6.68 7.07
C PHE A 339 11.20 -5.18 7.30
N ASP A 340 10.52 -4.86 8.41
CA ASP A 340 10.04 -3.52 8.68
C ASP A 340 10.80 -2.84 9.81
N ARG A 341 12.05 -3.27 9.98
CA ARG A 341 12.93 -2.83 11.06
C ARG A 341 14.38 -2.92 10.60
N MET A 342 15.25 -2.11 11.20
CA MET A 342 16.67 -2.21 10.89
C MET A 342 17.20 -3.45 11.58
N LEU A 343 16.80 -3.58 12.84
CA LEU A 343 17.33 -4.61 13.74
C LEU A 343 16.77 -6.01 13.44
N GLY A 344 17.67 -6.94 13.20
CA GLY A 344 17.30 -8.31 12.90
C GLY A 344 16.94 -8.50 11.45
N ASN A 345 17.17 -7.46 10.66
CA ASN A 345 16.87 -7.52 9.24
C ASN A 345 18.09 -7.97 8.47
N VAL A 346 17.95 -9.10 7.79
CA VAL A 346 19.06 -9.65 7.02
C VAL A 346 19.50 -8.77 5.85
N TYR A 347 18.54 -8.26 5.11
CA TYR A 347 18.83 -7.40 3.97
C TYR A 347 19.43 -6.06 4.35
N CYS A 348 18.90 -5.50 5.44
CA CYS A 348 19.24 -4.17 5.91
C CYS A 348 20.62 -3.86 6.50
N MET A 349 21.09 -2.68 6.16
CA MET A 349 22.32 -2.07 6.66
C MET A 349 22.08 -1.56 8.05
N GLN A 350 23.06 -1.72 8.92
CA GLN A 350 22.97 -1.21 10.27
C GLN A 350 23.59 0.17 10.33
N ILE A 351 22.72 1.19 10.51
CA ILE A 351 23.12 2.60 10.52
C ILE A 351 22.72 3.29 11.82
N PRO A 352 23.68 4.01 12.47
CA PRO A 352 23.39 4.76 13.69
C PRO A 352 22.51 6.01 13.49
N TRP A 353 21.25 5.76 13.21
CA TRP A 353 20.26 6.84 13.12
C TRP A 353 20.08 7.47 14.51
N GLN A 354 19.76 8.75 14.49
CA GLN A 354 19.72 9.56 15.71
C GLN A 354 18.33 10.06 16.00
N GLU A 355 18.02 10.16 17.28
CA GLU A 355 16.76 10.72 17.74
C GLU A 355 16.77 12.25 17.60
N HIS A 356 15.77 12.80 16.92
CA HIS A 356 15.62 14.23 16.83
C HIS A 356 14.14 14.57 16.86
N PRO A 357 13.52 14.47 18.03
CA PRO A 357 12.08 14.67 18.25
C PRO A 357 11.50 15.85 17.50
N ASP A 358 12.03 17.04 17.77
CA ASP A 358 11.52 18.24 17.15
C ASP A 358 11.66 18.18 15.65
N HIS A 359 12.77 17.66 15.15
CA HIS A 359 12.96 17.54 13.73
C HIS A 359 11.91 16.60 13.15
N LEU A 360 11.64 15.51 13.86
CA LEU A 360 10.66 14.53 13.42
C LEU A 360 9.22 15.06 13.35
N GLU A 361 8.83 15.85 14.34
CA GLU A 361 7.48 16.37 14.38
C GLU A 361 7.27 17.37 13.23
N ALA A 362 8.31 18.16 12.97
CA ALA A 362 8.27 19.20 11.92
C ALA A 362 8.04 18.57 10.53
N TRP A 363 8.77 17.49 10.29
CA TRP A 363 8.69 16.74 9.04
C TRP A 363 7.34 16.08 8.93
N THR A 364 6.84 15.58 10.05
CA THR A 364 5.56 14.87 10.03
C THR A 364 4.43 15.79 9.58
N HIS A 365 4.51 17.06 9.96
CA HIS A 365 3.44 17.98 9.71
C HIS A 365 3.74 19.01 8.65
N GLY A 366 4.83 18.79 7.95
CA GLY A 366 5.16 19.58 6.79
C GLY A 366 5.45 21.00 7.20
N ARG A 367 6.28 21.13 8.23
CA ARG A 367 6.72 22.44 8.72
C ARG A 367 8.25 22.45 8.83
N THR A 368 8.89 21.76 7.91
CA THR A 368 10.34 21.63 7.83
C THR A 368 11.03 22.95 7.55
N GLY A 369 10.33 23.82 6.84
CA GLY A 369 10.90 25.10 6.45
C GLY A 369 11.35 25.01 5.01
N TYR A 370 11.21 23.83 4.43
CA TYR A 370 11.51 23.62 3.02
C TYR A 370 10.13 23.47 2.39
N PRO A 371 9.79 24.42 1.52
CA PRO A 371 8.48 24.46 0.90
C PRO A 371 8.13 23.27 0.06
N PHE A 372 9.10 22.76 -0.68
CA PHE A 372 8.86 21.61 -1.55
C PHE A 372 8.54 20.39 -0.70
N ILE A 373 9.33 20.16 0.34
CA ILE A 373 9.13 19.04 1.25
C ILE A 373 7.80 19.22 1.96
N ASP A 374 7.54 20.45 2.41
CA ASP A 374 6.32 20.74 3.19
C ASP A 374 5.09 20.51 2.34
N ALA A 375 5.14 20.99 1.11
CA ALA A 375 4.07 20.74 0.13
C ALA A 375 3.70 19.26 0.02
N ILE A 376 4.73 18.43 -0.07
CA ILE A 376 4.54 16.99 -0.24
C ILE A 376 3.92 16.38 0.98
N MET A 377 4.45 16.71 2.15
CA MET A 377 3.94 16.15 3.39
C MET A 377 2.49 16.55 3.65
N ARG A 378 2.11 17.73 3.21
CA ARG A 378 0.74 18.19 3.36
C ARG A 378 -0.21 17.49 2.43
N GLN A 379 0.21 17.33 1.18
CA GLN A 379 -0.60 16.58 0.23
C GLN A 379 -0.87 15.20 0.74
N LEU A 380 0.17 14.58 1.30
CA LEU A 380 0.07 13.23 1.86
C LEU A 380 -0.99 13.18 2.96
N ARG A 381 -0.89 14.08 3.92
CA ARG A 381 -1.84 14.06 5.02
C ARG A 381 -3.25 14.35 4.53
N GLN A 382 -3.38 15.36 3.69
CA GLN A 382 -4.68 15.74 3.14
C GLN A 382 -5.35 14.76 2.17
N GLU A 383 -4.59 14.22 1.23
CA GLU A 383 -5.17 13.33 0.21
C GLU A 383 -4.89 11.83 0.33
N GLY A 384 -3.81 11.48 1.00
CA GLY A 384 -3.47 10.05 1.24
C GLY A 384 -2.64 9.40 0.14
N TRP A 385 -2.32 10.17 -0.90
CA TRP A 385 -1.45 9.70 -1.96
C TRP A 385 -0.58 10.83 -2.46
N ILE A 386 0.67 10.48 -2.69
CA ILE A 386 1.66 11.37 -3.27
C ILE A 386 2.48 10.57 -4.22
N HIS A 387 3.00 11.24 -5.25
CA HIS A 387 3.79 10.61 -6.33
C HIS A 387 5.06 9.94 -5.79
N HIS A 388 5.50 8.90 -6.48
CA HIS A 388 6.63 8.10 -6.03
C HIS A 388 7.90 8.93 -5.88
N LEU A 389 8.14 9.82 -6.83
CA LEU A 389 9.30 10.68 -6.74
C LEU A 389 9.17 11.59 -5.52
N ALA A 390 7.95 12.03 -5.24
CA ALA A 390 7.68 12.88 -4.09
C ALA A 390 8.04 12.13 -2.81
N ARG A 391 7.68 10.86 -2.76
CA ARG A 391 7.99 10.00 -1.61
C ARG A 391 9.49 9.92 -1.41
N HIS A 392 10.20 9.93 -2.53
CA HIS A 392 11.65 9.89 -2.51
C HIS A 392 12.17 11.12 -1.80
N ALA A 393 11.69 12.27 -2.24
CA ALA A 393 12.11 13.58 -1.78
C ALA A 393 12.06 13.70 -0.25
N VAL A 394 10.93 13.27 0.28
CA VAL A 394 10.62 13.40 1.70
C VAL A 394 11.38 12.40 2.50
N ALA A 395 11.50 11.20 1.95
CA ALA A 395 12.13 10.06 2.65
C ALA A 395 13.63 10.25 2.77
N CYS A 396 14.21 10.67 1.68
CA CYS A 396 15.63 11.01 1.64
C CYS A 396 15.97 12.13 2.62
N PHE A 397 15.15 13.17 2.62
CA PHE A 397 15.38 14.31 3.48
C PHE A 397 15.38 13.85 4.93
N LEU A 398 14.42 13.00 5.26
CA LEU A 398 14.31 12.47 6.61
C LEU A 398 15.43 11.53 7.06
N THR A 399 15.87 10.64 6.18
CA THR A 399 16.83 9.61 6.58
C THR A 399 18.34 9.72 6.33
N ARG A 400 18.77 9.99 5.10
CA ARG A 400 20.23 10.04 4.87
C ARG A 400 20.60 11.39 4.34
N GLY A 401 19.61 12.04 3.74
CA GLY A 401 19.81 13.36 3.16
C GLY A 401 20.08 14.54 4.07
N ASP A 402 19.30 14.66 5.14
CA ASP A 402 19.46 15.82 6.02
C ASP A 402 19.32 15.59 7.52
N LEU A 403 18.10 15.24 7.95
CA LEU A 403 17.77 15.06 9.35
C LEU A 403 18.53 13.96 10.05
N TRP A 404 18.79 12.88 9.34
CA TRP A 404 19.46 11.69 9.91
C TRP A 404 18.57 10.87 10.87
N ILE A 405 17.28 10.83 10.54
CA ILE A 405 16.30 10.11 11.34
C ILE A 405 16.01 8.75 10.72
N SER A 406 15.72 7.79 11.56
CA SER A 406 15.56 6.43 11.12
C SER A 406 14.39 6.29 10.23
N TRP A 407 14.51 5.43 9.23
CA TRP A 407 13.47 5.17 8.24
C TRP A 407 12.25 4.51 8.87
N GLU A 408 12.43 3.88 10.03
CA GLU A 408 11.35 3.26 10.74
C GLU A 408 10.32 4.30 11.16
N GLU A 409 10.80 5.51 11.42
CA GLU A 409 9.96 6.62 11.85
C GLU A 409 9.13 7.14 10.71
N GLY A 410 9.74 7.19 9.55
CA GLY A 410 9.07 7.64 8.35
C GLY A 410 8.01 6.63 7.93
N GLN A 411 8.40 5.37 7.99
CA GLN A 411 7.49 4.26 7.74
C GLN A 411 6.20 4.39 8.57
N ARG A 412 6.34 4.82 9.84
CA ARG A 412 5.24 4.93 10.80
C ARG A 412 4.21 5.98 10.35
N VAL A 413 4.77 7.11 9.92
CA VAL A 413 3.98 8.24 9.44
C VAL A 413 3.25 7.84 8.17
N PHE A 414 4.02 7.36 7.20
CA PHE A 414 3.44 6.86 5.95
C PHE A 414 2.35 5.83 6.21
N GLU A 415 2.55 4.95 7.16
CA GLU A 415 1.56 3.91 7.40
C GLU A 415 0.24 4.55 7.75
N GLN A 416 0.30 5.58 8.56
CA GLN A 416 -0.89 6.31 8.99
C GLN A 416 -1.62 7.08 7.88
N LEU A 417 -0.86 7.76 7.03
CA LEU A 417 -1.43 8.61 5.98
C LEU A 417 -1.66 8.05 4.57
N LEU A 418 -1.08 6.91 4.26
CA LEU A 418 -1.23 6.34 2.92
C LEU A 418 -2.49 5.47 2.78
N LEU A 419 -3.19 5.69 1.69
CA LEU A 419 -4.31 4.85 1.26
C LEU A 419 -3.78 3.50 0.78
N ASP A 420 -2.62 3.58 0.13
CA ASP A 420 -1.96 2.39 -0.41
C ASP A 420 -0.90 1.81 0.51
N GLN A 421 -1.05 2.06 1.80
CA GLN A 421 -0.15 1.56 2.82
C GLN A 421 0.03 0.07 2.70
N ASP A 422 1.25 -0.36 2.44
CA ASP A 422 1.55 -1.78 2.27
C ASP A 422 2.80 -2.18 3.06
N TRP A 423 2.68 -3.16 3.93
CA TRP A 423 3.80 -3.52 4.79
C TRP A 423 5.03 -3.92 4.00
N ALA A 424 4.89 -4.77 2.99
CA ALA A 424 6.06 -5.15 2.20
C ALA A 424 6.62 -4.01 1.36
N LEU A 425 5.73 -3.31 0.68
CA LEU A 425 6.10 -2.19 -0.19
C LEU A 425 6.67 -0.96 0.49
N ASN A 426 6.06 -0.59 1.60
CA ASN A 426 6.46 0.60 2.36
C ASN A 426 7.84 0.37 3.02
N ALA A 427 8.02 -0.82 3.57
CA ALA A 427 9.28 -1.21 4.21
C ALA A 427 10.43 -1.18 3.19
N GLY A 428 10.21 -1.94 2.12
CA GLY A 428 11.20 -2.17 1.07
C GLY A 428 11.66 -0.89 0.41
N ASN A 429 10.71 0.00 0.17
CA ASN A 429 11.00 1.28 -0.48
C ASN A 429 11.63 2.31 0.46
N TRP A 430 11.39 2.17 1.76
CA TRP A 430 12.00 3.09 2.74
C TRP A 430 13.48 2.73 2.93
N MET A 431 13.76 1.44 2.84
CA MET A 431 15.14 0.97 2.92
C MET A 431 15.93 1.48 1.73
N TRP A 432 15.30 1.38 0.56
CA TRP A 432 15.86 1.90 -0.67
C TRP A 432 16.25 3.36 -0.54
N LEU A 433 15.35 4.19 -0.05
CA LEU A 433 15.62 5.63 0.03
C LEU A 433 16.65 6.00 1.11
N SER A 434 16.75 5.15 2.13
CA SER A 434 17.69 5.35 3.23
C SER A 434 19.01 4.68 2.93
N ALA A 435 19.06 4.10 1.72
CA ALA A 435 20.17 3.29 1.21
C ALA A 435 20.59 2.23 2.23
N SER A 436 19.59 1.62 2.88
CA SER A 436 19.84 0.54 3.83
C SER A 436 19.85 -0.79 3.10
N ALA A 437 19.01 -0.88 2.07
CA ALA A 437 18.95 -2.09 1.25
C ALA A 437 18.43 -1.82 -0.16
N PHE A 438 19.00 -2.55 -1.12
CA PHE A 438 18.52 -2.54 -2.50
C PHE A 438 19.00 -1.32 -3.25
N PHE A 439 19.59 -0.39 -2.50
CA PHE A 439 20.14 0.81 -3.09
C PHE A 439 21.38 1.07 -2.30
N HIS A 440 22.40 1.61 -2.94
CA HIS A 440 23.66 1.83 -2.23
C HIS A 440 24.47 3.06 -2.69
N GLN A 441 24.04 3.72 -3.75
CA GLN A 441 24.77 4.87 -4.31
C GLN A 441 24.48 6.17 -3.53
N TYR A 442 24.92 6.16 -2.26
CA TYR A 442 24.58 7.20 -1.28
C TYR A 442 25.13 8.60 -1.61
N PHE A 443 25.95 8.71 -2.65
CA PHE A 443 26.40 10.01 -3.17
C PHE A 443 25.28 10.78 -3.82
N ARG A 444 24.30 10.05 -4.31
CA ARG A 444 23.11 10.65 -4.88
C ARG A 444 22.13 11.11 -3.79
N VAL A 445 22.17 12.40 -3.48
CA VAL A 445 21.26 13.01 -2.50
C VAL A 445 20.35 14.05 -3.16
N TYR A 446 19.05 13.82 -3.06
CA TYR A 446 18.05 14.75 -3.60
C TYR A 446 18.14 16.10 -2.92
N SER A 447 18.15 17.14 -3.75
CA SER A 447 18.08 18.50 -3.28
C SER A 447 16.65 18.91 -3.11
N PRO A 448 16.21 19.17 -1.84
CA PRO A 448 14.86 19.62 -1.55
C PRO A 448 14.55 20.93 -2.22
N VAL A 449 15.55 21.60 -2.77
CA VAL A 449 15.29 22.82 -3.51
C VAL A 449 15.33 22.58 -5.03
N ALA A 450 16.42 21.96 -5.48
CA ALA A 450 16.64 21.65 -6.90
C ALA A 450 15.75 20.61 -7.58
N PHE A 451 15.40 19.55 -6.87
CA PHE A 451 14.65 18.44 -7.45
C PHE A 451 13.27 18.74 -8.04
N GLY A 452 12.50 19.55 -7.31
CA GLY A 452 11.19 20.00 -7.70
C GLY A 452 11.08 20.94 -8.89
N LYS A 453 12.07 21.83 -8.99
CA LYS A 453 12.11 22.88 -10.01
C LYS A 453 12.08 22.39 -11.44
N LYS A 454 12.72 21.27 -11.70
CA LYS A 454 12.85 20.76 -13.06
C LYS A 454 11.51 20.52 -13.73
N THR A 455 10.53 20.03 -12.98
CA THR A 455 9.21 19.71 -13.54
C THR A 455 8.10 20.73 -13.21
N ASP A 456 8.32 21.52 -12.17
CA ASP A 456 7.42 22.60 -11.79
C ASP A 456 8.23 23.84 -11.45
N PRO A 457 8.82 24.48 -12.48
CA PRO A 457 9.62 25.69 -12.26
C PRO A 457 8.86 26.86 -11.64
N GLN A 458 7.56 26.96 -11.93
CA GLN A 458 6.71 28.03 -11.41
C GLN A 458 6.31 27.80 -9.95
N GLY A 459 6.45 26.57 -9.49
CA GLY A 459 6.13 26.19 -8.12
C GLY A 459 4.65 26.13 -7.81
N HIS A 460 3.86 25.76 -8.81
CA HIS A 460 2.43 25.65 -8.68
C HIS A 460 2.02 24.74 -7.55
N TYR A 461 2.70 23.61 -7.44
CA TYR A 461 2.39 22.60 -6.47
C TYR A 461 2.61 23.14 -5.08
N ILE A 462 3.70 23.90 -4.92
CA ILE A 462 4.00 24.50 -3.61
C ILE A 462 2.95 25.53 -3.25
N ARG A 463 2.56 26.31 -4.25
CA ARG A 463 1.52 27.34 -4.10
C ARG A 463 0.22 26.72 -3.56
N LYS A 464 -0.11 25.53 -4.06
CA LYS A 464 -1.34 24.85 -3.66
C LYS A 464 -1.31 24.37 -2.23
N TYR A 465 -0.28 23.63 -1.87
CA TYR A 465 -0.21 22.94 -0.57
C TYR A 465 0.46 23.76 0.52
N VAL A 466 1.20 24.78 0.14
CA VAL A 466 1.74 25.75 1.08
C VAL A 466 1.26 27.14 0.63
N PRO A 467 -0.05 27.42 0.78
CA PRO A 467 -0.63 28.67 0.28
C PRO A 467 -0.10 29.91 0.96
N GLU A 468 0.50 29.74 2.13
CA GLU A 468 1.17 30.84 2.81
C GLU A 468 2.22 31.53 1.95
N LEU A 469 2.81 30.79 1.02
CA LEU A 469 3.90 31.29 0.18
C LEU A 469 3.46 31.47 -1.26
N SER A 470 2.16 31.57 -1.48
CA SER A 470 1.61 31.57 -2.85
C SER A 470 1.89 32.84 -3.61
N LYS A 471 2.31 33.89 -2.93
CA LYS A 471 2.58 35.17 -3.58
C LYS A 471 4.09 35.36 -3.88
N TYR A 472 4.90 34.37 -3.49
CA TYR A 472 6.37 34.40 -3.68
C TYR A 472 6.69 34.19 -5.14
N PRO A 473 7.70 34.91 -5.65
CA PRO A 473 8.14 34.66 -7.01
C PRO A 473 8.79 33.30 -7.11
N ALA A 474 8.80 32.77 -8.30
CA ALA A 474 9.46 31.49 -8.54
C ALA A 474 10.96 31.54 -8.20
N GLY A 475 11.52 32.74 -8.24
CA GLY A 475 12.94 32.96 -7.98
C GLY A 475 13.40 32.53 -6.60
N CYS A 476 12.48 32.51 -5.65
CA CYS A 476 12.81 32.09 -4.29
C CYS A 476 11.67 31.39 -3.52
N ILE A 477 10.65 30.95 -4.24
CA ILE A 477 9.58 30.17 -3.62
C ILE A 477 10.04 28.80 -3.10
N TYR A 478 11.06 28.22 -3.71
CA TYR A 478 11.66 27.00 -3.18
C TYR A 478 12.63 27.31 -2.04
N GLU A 479 13.09 28.56 -2.01
CA GLU A 479 14.17 28.99 -1.13
C GLU A 479 13.81 30.31 -0.46
N PRO A 480 12.73 30.33 0.35
CA PRO A 480 12.20 31.60 0.89
C PRO A 480 13.20 32.41 1.73
N TRP A 481 14.13 31.69 2.34
CA TRP A 481 15.19 32.29 3.15
C TRP A 481 16.08 33.27 2.34
N LYS A 482 16.04 33.15 1.01
CA LYS A 482 16.83 33.99 0.10
C LYS A 482 16.17 35.34 -0.14
N ALA A 483 14.92 35.49 0.31
CA ALA A 483 14.18 36.74 0.18
C ALA A 483 14.37 37.65 1.41
N SER A 484 14.69 38.92 1.18
CA SER A 484 14.80 39.90 2.28
C SER A 484 13.50 40.07 3.04
N LEU A 485 13.59 40.66 4.23
CA LEU A 485 12.41 40.81 5.10
C LEU A 485 11.40 41.77 4.47
N VAL A 486 11.92 42.85 3.91
CA VAL A 486 11.08 43.81 3.18
C VAL A 486 10.33 43.06 2.05
N ASP A 487 11.05 42.13 1.41
CA ASP A 487 10.48 41.27 0.36
C ASP A 487 9.43 40.35 0.94
N GLN A 488 9.75 39.69 2.04
CA GLN A 488 8.80 38.70 2.61
C GLN A 488 7.46 39.33 2.89
N ARG A 489 7.51 40.36 3.71
CA ARG A 489 6.33 41.19 4.03
C ARG A 489 5.53 41.52 2.81
N ALA A 490 6.21 42.13 1.84
CA ALA A 490 5.59 42.47 0.58
C ALA A 490 4.89 41.24 -0.06
N TYR A 491 5.42 40.03 0.19
CA TYR A 491 4.82 38.77 -0.31
C TYR A 491 3.73 38.24 0.64
N GLY A 492 3.55 38.93 1.76
CA GLY A 492 2.51 38.62 2.71
C GLY A 492 2.80 37.41 3.58
N CYS A 493 4.06 37.03 3.64
CA CYS A 493 4.47 35.88 4.45
C CYS A 493 5.86 36.02 5.06
N VAL A 494 5.87 36.50 6.29
CA VAL A 494 7.12 36.76 6.98
C VAL A 494 7.60 35.50 7.71
N LEU A 495 8.80 35.07 7.35
CA LEU A 495 9.36 33.81 7.86
C LEU A 495 9.58 33.90 9.36
N GLY A 496 9.23 32.82 10.03
CA GLY A 496 9.38 32.72 11.46
C GLY A 496 8.09 33.05 12.14
N THR A 497 7.14 33.57 11.38
CA THR A 497 5.78 33.88 11.89
C THR A 497 4.73 33.10 11.09
N ASP A 498 4.67 33.41 9.81
CA ASP A 498 3.66 32.91 8.92
C ASP A 498 4.09 31.58 8.29
N TYR A 499 5.39 31.32 8.37
CA TYR A 499 5.99 30.10 7.85
C TYR A 499 7.21 29.75 8.68
N PRO A 500 7.51 28.46 8.79
CA PRO A 500 8.65 27.99 9.59
C PRO A 500 10.02 28.28 8.99
N HIS A 501 10.99 28.59 9.84
CA HIS A 501 12.36 28.78 9.41
C HIS A 501 12.87 27.40 9.06
N ARG A 502 13.76 27.28 8.09
CA ARG A 502 14.26 25.97 7.73
C ARG A 502 15.02 25.31 8.87
N ILE A 503 14.59 24.11 9.27
CA ILE A 503 15.09 23.47 10.48
C ILE A 503 16.57 23.03 10.41
N VAL A 504 17.00 22.72 9.20
CA VAL A 504 18.41 22.43 8.93
C VAL A 504 18.86 23.09 7.64
N LYS A 505 20.17 23.10 7.43
CA LYS A 505 20.72 23.64 6.22
C LYS A 505 21.24 22.51 5.38
N HIS A 506 20.54 22.25 4.29
CA HIS A 506 20.87 21.13 3.41
C HIS A 506 22.34 21.13 2.91
N GLU A 507 22.86 22.29 2.53
CA GLU A 507 24.21 22.29 2.00
C GLU A 507 25.21 21.78 3.01
N VAL A 508 25.13 22.26 4.25
CA VAL A 508 26.05 21.78 5.27
C VAL A 508 25.86 20.34 5.72
N VAL A 509 24.61 19.98 6.00
CA VAL A 509 24.24 18.66 6.52
C VAL A 509 24.36 17.42 5.64
N HIS A 510 23.96 17.55 4.39
CA HIS A 510 23.89 16.42 3.49
C HIS A 510 25.28 15.86 3.20
N LYS A 511 26.26 16.76 3.12
CA LYS A 511 27.65 16.39 2.85
C LYS A 511 28.19 15.65 4.06
N GLU A 512 27.86 16.20 5.20
CA GLU A 512 28.15 15.57 6.47
C GLU A 512 27.50 14.19 6.65
N ASN A 513 26.24 14.04 6.21
CA ASN A 513 25.59 12.76 6.32
C ASN A 513 26.16 11.78 5.34
N ILE A 514 26.74 12.29 4.26
CA ILE A 514 27.35 11.44 3.26
C ILE A 514 28.50 10.72 3.91
N LYS A 515 29.31 11.47 4.66
CA LYS A 515 30.47 10.92 5.38
C LYS A 515 30.02 9.87 6.43
N ARG A 516 28.91 10.15 7.11
CA ARG A 516 28.37 9.23 8.11
C ARG A 516 27.89 7.97 7.45
N MET A 517 27.45 8.07 6.21
CA MET A 517 26.95 6.92 5.48
C MET A 517 28.09 5.97 5.16
N GLY A 518 29.17 6.56 4.63
CA GLY A 518 30.38 5.80 4.33
C GLY A 518 30.98 5.16 5.56
N ALA A 519 30.89 5.86 6.69
CA ALA A 519 31.38 5.34 7.95
C ALA A 519 30.65 4.04 8.31
N ALA A 520 29.31 4.09 8.22
CA ALA A 520 28.42 3.00 8.67
C ALA A 520 28.50 1.83 7.70
N TYR A 521 28.75 2.14 6.43
CA TYR A 521 28.96 1.11 5.39
C TYR A 521 30.20 0.26 5.63
N LYS A 522 31.28 0.94 5.99
CA LYS A 522 32.55 0.32 6.38
C LYS A 522 32.34 -0.65 7.57
N VAL A 523 31.65 -0.17 8.60
CA VAL A 523 31.40 -0.96 9.80
C VAL A 523 30.65 -2.24 9.47
N ASN A 524 29.67 -2.13 8.57
CA ASN A 524 28.85 -3.27 8.18
C ASN A 524 29.67 -4.26 7.38
N ARG A 525 30.69 -3.72 6.73
CA ARG A 525 31.56 -4.50 5.86
C ARG A 525 32.51 -5.38 6.67
N GLU A 526 32.97 -4.83 7.81
CA GLU A 526 33.82 -5.56 8.75
C GLU A 526 33.01 -6.73 9.30
N VAL A 527 31.87 -6.39 9.90
CA VAL A 527 30.97 -7.41 10.40
C VAL A 527 30.80 -8.57 9.39
N ARG A 528 30.64 -8.21 8.11
CA ARG A 528 30.51 -9.24 7.08
C ARG A 528 31.83 -10.04 6.96
N THR A 529 32.92 -9.32 6.67
CA THR A 529 34.27 -9.94 6.69
C THR A 529 34.43 -10.92 7.89
N GLY A 530 34.01 -10.49 9.12
CA GLY A 530 34.25 -11.23 10.39
C GLY A 530 33.49 -12.55 10.56
N LYS A 531 32.23 -12.55 10.08
CA LYS A 531 31.39 -13.79 10.04
C LYS A 531 32.06 -14.90 9.20
N GLU A 532 32.61 -14.47 8.06
CA GLU A 532 33.35 -15.37 7.14
C GLU A 532 34.57 -16.05 7.79
P 64P B 8 17.95 -1.99 -10.76
OP2 64P B 8 17.91 -3.22 -11.64
OP1 64P B 8 17.69 -2.23 -9.33
O5' 64P B 8 16.88 -0.95 -11.29
C5' 64P B 8 16.89 0.32 -10.68
C4' 64P B 8 16.10 1.33 -11.50
O4' 64P B 8 14.70 1.03 -11.35
C3' 64P B 8 16.18 2.78 -11.04
O3' 64P B 8 17.34 3.39 -11.54
C2' 64P B 8 14.94 3.37 -11.66
C1' 64P B 8 13.95 2.21 -11.59
N1 64P B 8 12.83 2.28 -10.55
C2 64P B 8 11.60 2.21 -11.00
O2 64P B 8 11.31 2.13 -12.20
N3 64P B 8 10.54 2.25 -10.09
C4 64P B 8 10.66 2.34 -8.69
O4 64P B 8 9.67 2.37 -7.96
C5 64P B 8 12.05 2.06 -8.17
C5M 64P B 8 12.15 0.53 -8.07
C6 64P B 8 13.15 2.66 -9.12
N5 64P B 8 12.27 2.76 -6.92
P Z B 9 18.38 4.19 -10.67
OP1 Z B 9 19.54 4.44 -11.57
OP2 Z B 9 18.50 3.56 -9.34
O5' Z B 9 17.51 5.51 -10.41
C5' Z B 9 17.51 6.55 -11.42
C4' Z B 9 16.63 7.76 -11.08
O4' Z B 9 15.22 7.43 -11.21
C3' Z B 9 16.75 8.31 -9.65
O3' Z B 9 17.45 9.49 -9.64
C2' Z B 9 15.37 8.75 -9.22
C1' Z B 9 14.45 7.88 -10.07
N1 Z B 9 13.97 6.62 -9.51
C2 Z B 9 12.75 6.16 -9.91
O2 Z B 9 11.98 6.80 -10.65
N3 Z B 9 12.39 4.91 -9.45
C4 Z B 9 13.19 4.15 -8.69
C5 Z B 9 14.41 4.63 -8.26
C6 Z B 9 14.80 5.86 -8.71
PA FAD D . 2.43 3.58 -10.93
O1A FAD D . 1.17 3.82 -11.70
O2A FAD D . 3.71 4.21 -11.37
O5B FAD D . 2.72 2.05 -10.77
C5B FAD D . 1.60 1.16 -10.78
C4B FAD D . 1.83 0.00 -9.80
O4B FAD D . 3.22 -0.13 -9.60
C3B FAD D . 1.31 0.54 -8.48
O3B FAD D . 0.13 -0.20 -8.12
C2B FAD D . 2.36 0.08 -7.54
O2B FAD D . 1.77 -0.95 -6.78
C1B FAD D . 3.36 -0.66 -8.34
N9A FAD D . 4.58 0.04 -7.91
C8A FAD D . 5.06 1.20 -8.40
N7A FAD D . 6.19 1.51 -7.78
C5A FAD D . 6.42 0.58 -6.90
C6A FAD D . 7.45 0.37 -5.97
N6A FAD D . 8.46 1.22 -5.85
N1A FAD D . 7.41 -0.70 -5.19
C2A FAD D . 6.40 -1.57 -5.34
N3A FAD D . 5.39 -1.40 -6.19
C4A FAD D . 5.39 -0.33 -6.97
N1 FAD D . 3.48 1.47 -2.88
C2 FAD D . 2.40 0.79 -2.29
O2 FAD D . 1.56 0.19 -2.99
N3 FAD D . 2.30 0.80 -0.91
C4 FAD D . 3.25 1.53 -0.15
O4 FAD D . 3.23 1.61 1.08
C4X FAD D . 4.26 2.15 -0.77
N5 FAD D . 5.13 2.76 0.03
C5X FAD D . 6.19 3.43 -0.50
C6 FAD D . 7.09 4.07 0.34
C7 FAD D . 8.16 4.75 -0.22
C7M FAD D . 9.18 5.51 0.65
C8 FAD D . 8.30 4.80 -1.61
C8M FAD D . 9.46 5.60 -2.18
C9 FAD D . 7.43 4.12 -2.46
C9A FAD D . 6.35 3.48 -1.89
N10 FAD D . 5.42 2.86 -2.69
C10 FAD D . 4.39 2.15 -2.11
C1' FAD D . 5.70 2.72 -4.14
C2' FAD D . 5.22 3.79 -5.06
O2' FAD D . 5.59 5.08 -4.58
C3' FAD D . 3.71 3.73 -5.17
O3' FAD D . 3.23 2.34 -5.27
C4' FAD D . 3.28 4.50 -6.40
O4' FAD D . 3.67 5.85 -6.24
C5' FAD D . 1.76 4.46 -6.58
O5' FAD D . 1.43 5.37 -7.63
P FAD D . 0.79 4.55 -8.81
O1P FAD D . -0.04 3.42 -8.22
O2P FAD D . 0.18 5.49 -9.72
O3P FAD D . 2.19 4.00 -9.38
#